data_9PQW
#
_entry.id   9PQW
#
_cell.length_a   140.837
_cell.length_b   140.837
_cell.length_c   119.408
_cell.angle_alpha   90.000
_cell.angle_beta   90.000
_cell.angle_gamma   120.000
#
_symmetry.space_group_name_H-M   'P 62 2 2'
#
loop_
_entity.id
_entity.type
_entity.pdbx_description
1 polymer 'PUM-HD domain-containing protein'
2 polymer 'spn-4 RNA'
3 non-polymer GLYCEROL
4 non-polymer 'SULFATE ION'
5 water water
#
loop_
_entity_poly.entity_id
_entity_poly.type
_entity_poly.pdbx_seq_one_letter_code
_entity_poly.pdbx_strand_id
1 'polypeptide(L)'
;SGDGEGNVSDSVTLQDVLANDALVEFATDKNGCRFLQEHYPTENDNDVHQKLFRKLVEDRAIFLSLCSNMFGNFFVQRVL
ECSNTEEQEILTEHLATDLYNLCLDKSACRVIQLAIQKLDVHLATRLSLELRDTHLVRLSIDQNGNHVIQKIVKTLPVSS
WTFLVDFFADDDNLIHVCQDKYGCRVIQSTVETLSTDQYAQCYQHRVILLRSLMAGVTRNCTQLASNEFANYVVQHVIKC
GDALAVYRDIIIEQCLLQNLLSMSQEKYASHVVEVAFECAPYRLVAEMMNEIFEGYIPHPDTNRDALDILLFHQYGNYVV
QQMIQTCVLGQNARDQKQSEMYGMWLEKIHGRVMRNAHRLERFSSGKKIIEALQSMSLY
;
A
2 'polyribonucleotide' UGUCAAAUGA B
#
loop_
_chem_comp.id
_chem_comp.type
_chem_comp.name
_chem_comp.formula
A RNA linking ADENOSINE-5'-MONOPHOSPHATE 'C10 H14 N5 O7 P'
C RNA linking CYTIDINE-5'-MONOPHOSPHATE 'C9 H14 N3 O8 P'
G RNA linking GUANOSINE-5'-MONOPHOSPHATE 'C10 H14 N5 O8 P'
GOL non-polymer GLYCEROL 'C3 H8 O3'
SO4 non-polymer 'SULFATE ION' 'O4 S -2'
U RNA linking URIDINE-5'-MONOPHOSPHATE 'C9 H13 N2 O9 P'
#
# COMPACT_ATOMS: atom_id res chain seq x y z
N VAL A 12 -21.20 -32.25 26.85
CA VAL A 12 -19.98 -31.45 26.91
C VAL A 12 -20.31 -29.99 27.23
N THR A 13 -19.83 -29.51 28.37
CA THR A 13 -20.06 -28.14 28.80
C THR A 13 -18.72 -27.46 29.08
N LEU A 14 -18.80 -26.13 29.29
CA LEU A 14 -17.63 -25.37 29.68
C LEU A 14 -17.17 -25.71 31.09
N GLN A 15 -18.10 -26.13 31.96
CA GLN A 15 -17.74 -26.53 33.31
C GLN A 15 -16.90 -27.81 33.29
N ASP A 16 -17.16 -28.71 32.34
CA ASP A 16 -16.30 -29.87 32.14
C ASP A 16 -14.90 -29.46 31.71
N VAL A 17 -14.81 -28.45 30.84
CA VAL A 17 -13.53 -27.95 30.34
C VAL A 17 -12.70 -27.38 31.48
N LEU A 18 -13.33 -26.60 32.36
CA LEU A 18 -12.63 -26.03 33.50
C LEU A 18 -12.24 -27.09 34.52
N ALA A 19 -13.12 -28.07 34.76
CA ALA A 19 -12.83 -29.09 35.76
C ALA A 19 -11.76 -30.06 35.29
N ASN A 20 -11.73 -30.36 33.99
CA ASN A 20 -10.72 -31.25 33.45
C ASN A 20 -9.40 -30.55 33.13
N ASP A 21 -9.33 -29.23 33.33
CA ASP A 21 -8.15 -28.40 33.00
C ASP A 21 -7.75 -28.59 31.54
N ALA A 22 -8.74 -28.58 30.65
CA ALA A 22 -8.57 -28.95 29.25
C ALA A 22 -8.82 -27.80 28.30
N LEU A 23 -8.39 -26.58 28.67
CA LEU A 23 -8.55 -25.44 27.77
C LEU A 23 -7.67 -25.58 26.54
N VAL A 24 -6.42 -26.01 26.73
CA VAL A 24 -5.47 -26.18 25.62
C VAL A 24 -5.97 -27.24 24.64
N GLU A 25 -6.50 -28.34 25.16
CA GLU A 25 -6.99 -29.44 24.32
C GLU A 25 -8.18 -29.00 23.47
N PHE A 26 -9.08 -28.19 24.05
CA PHE A 26 -10.21 -27.68 23.28
C PHE A 26 -9.78 -26.58 22.31
N ALA A 27 -8.94 -25.64 22.77
CA ALA A 27 -8.60 -24.47 21.95
C ALA A 27 -7.75 -24.83 20.74
N THR A 28 -6.88 -25.85 20.86
CA THR A 28 -6.04 -26.28 19.76
C THR A 28 -6.71 -27.29 18.84
N ASP A 29 -7.97 -27.62 19.10
CA ASP A 29 -8.77 -28.48 18.24
C ASP A 29 -9.79 -27.61 17.50
N LYS A 30 -10.06 -27.95 16.23
CA LYS A 30 -10.92 -27.13 15.38
C LYS A 30 -12.36 -27.07 15.91
N ASN A 31 -12.96 -28.22 16.18
CA ASN A 31 -14.32 -28.23 16.70
C ASN A 31 -14.36 -27.79 18.16
N GLY A 32 -13.32 -28.11 18.93
CA GLY A 32 -13.28 -27.68 20.32
C GLY A 32 -13.16 -26.18 20.47
N CYS A 33 -12.42 -25.53 19.56
CA CYS A 33 -12.28 -24.08 19.64
C CYS A 33 -13.56 -23.39 19.22
N ARG A 34 -14.24 -23.92 18.19
CA ARG A 34 -15.52 -23.37 17.76
C ARG A 34 -16.56 -23.47 18.88
N PHE A 35 -16.51 -24.56 19.65
CA PHE A 35 -17.33 -24.68 20.85
C PHE A 35 -16.96 -23.60 21.87
N LEU A 36 -15.67 -23.34 22.04
CA LEU A 36 -15.23 -22.26 22.93
C LEU A 36 -15.68 -20.90 22.41
N GLN A 37 -15.59 -20.67 21.09
CA GLN A 37 -16.00 -19.39 20.51
C GLN A 37 -17.51 -19.15 20.70
N GLU A 38 -18.32 -20.18 20.49
CA GLU A 38 -19.77 -20.01 20.53
C GLU A 38 -20.33 -19.93 21.95
N HIS A 39 -19.67 -20.56 22.92
CA HIS A 39 -20.25 -20.65 24.25
C HIS A 39 -19.55 -19.81 25.32
N TYR A 40 -18.42 -19.17 25.00
CA TYR A 40 -17.73 -18.28 25.93
C TYR A 40 -18.66 -17.13 26.33
N PRO A 41 -18.94 -16.95 27.62
CA PRO A 41 -19.85 -15.86 28.03
C PRO A 41 -19.18 -14.51 27.80
N THR A 42 -19.96 -13.59 27.21
CA THR A 42 -19.43 -12.29 26.83
C THR A 42 -19.29 -11.34 28.01
N GLU A 43 -20.11 -11.50 29.05
CA GLU A 43 -20.09 -10.58 30.17
C GLU A 43 -18.87 -10.82 31.03
N ASN A 44 -18.18 -9.73 31.40
CA ASN A 44 -16.93 -9.82 32.14
C ASN A 44 -17.13 -10.19 33.60
N ASP A 45 -18.34 -10.05 34.14
CA ASP A 45 -18.60 -10.45 35.52
C ASP A 45 -19.20 -11.85 35.61
N ASN A 46 -19.33 -12.55 34.48
CA ASN A 46 -19.75 -13.93 34.48
C ASN A 46 -18.66 -14.81 35.06
N ASP A 47 -19.07 -15.79 35.88
CA ASP A 47 -18.12 -16.63 36.61
C ASP A 47 -17.35 -17.54 35.68
N VAL A 48 -18.04 -18.18 34.73
CA VAL A 48 -17.38 -19.07 33.77
C VAL A 48 -16.45 -18.28 32.86
N HIS A 49 -16.83 -17.05 32.52
CA HIS A 49 -15.98 -16.14 31.75
C HIS A 49 -14.66 -15.89 32.45
N GLN A 50 -14.72 -15.55 33.75
CA GLN A 50 -13.52 -15.23 34.51
C GLN A 50 -12.64 -16.44 34.71
N LYS A 51 -13.23 -17.62 34.91
CA LYS A 51 -12.45 -18.84 35.09
C LYS A 51 -11.75 -19.24 33.79
N LEU A 52 -12.42 -19.07 32.65
CA LEU A 52 -11.79 -19.38 31.37
C LEU A 52 -10.69 -18.36 31.04
N PHE A 53 -10.92 -17.08 31.37
CA PHE A 53 -9.91 -16.06 31.12
C PHE A 53 -8.67 -16.31 31.97
N ARG A 54 -8.86 -16.70 33.24
CA ARG A 54 -7.75 -17.03 34.11
C ARG A 54 -6.96 -18.21 33.56
N LYS A 55 -7.66 -19.27 33.10
CA LYS A 55 -6.98 -20.40 32.48
C LYS A 55 -6.21 -20.00 31.22
N LEU A 56 -6.69 -18.98 30.51
CA LEU A 56 -6.00 -18.52 29.31
C LEU A 56 -4.71 -17.76 29.64
N VAL A 57 -4.72 -16.94 30.69
CA VAL A 57 -3.64 -16.00 30.94
C VAL A 57 -2.82 -16.32 32.20
N GLU A 58 -3.15 -17.40 32.93
CA GLU A 58 -2.36 -17.82 34.10
C GLU A 58 -0.91 -18.08 33.73
N ASP A 59 -0.72 -18.83 32.65
CA ASP A 59 0.58 -19.25 32.15
C ASP A 59 0.84 -18.47 30.88
N ARG A 60 1.83 -17.57 30.93
CA ARG A 60 2.17 -16.69 29.80
C ARG A 60 2.59 -17.49 28.57
N ALA A 61 3.38 -18.56 28.77
CA ALA A 61 3.81 -19.38 27.65
C ALA A 61 2.66 -20.15 27.02
N ILE A 62 1.70 -20.60 27.84
CA ILE A 62 0.51 -21.27 27.31
C ILE A 62 -0.30 -20.30 26.46
N PHE A 63 -0.46 -19.06 26.95
CA PHE A 63 -1.21 -18.02 26.22
C PHE A 63 -0.59 -17.72 24.87
N LEU A 64 0.74 -17.55 24.83
CA LEU A 64 1.44 -17.24 23.59
C LEU A 64 1.37 -18.39 22.60
N SER A 65 1.43 -19.62 23.09
N SER A 65 1.43 -19.63 23.11
CA SER A 65 1.29 -20.77 22.19
CA SER A 65 1.28 -20.80 22.24
C SER A 65 -0.13 -20.89 21.66
C SER A 65 -0.12 -20.88 21.66
N LEU A 66 -1.13 -20.49 22.45
CA LEU A 66 -2.49 -20.45 21.94
C LEU A 66 -2.66 -19.35 20.90
N CYS A 67 -1.97 -18.21 21.07
CA CYS A 67 -1.96 -17.15 20.05
C CYS A 67 -1.34 -17.65 18.76
N SER A 68 -0.31 -18.51 18.85
CA SER A 68 0.41 -19.02 17.70
C SER A 68 -0.19 -20.28 17.12
N ASN A 69 -1.27 -20.79 17.69
CA ASN A 69 -1.89 -22.02 17.23
C ASN A 69 -2.89 -21.72 16.11
N MET A 70 -2.97 -22.62 15.13
CA MET A 70 -3.84 -22.44 13.97
C MET A 70 -5.30 -22.30 14.37
N PHE A 71 -5.73 -23.00 15.41
CA PHE A 71 -7.09 -22.86 15.90
C PHE A 71 -7.18 -22.04 17.18
N GLY A 72 -6.17 -22.08 18.04
CA GLY A 72 -6.22 -21.36 19.30
C GLY A 72 -6.29 -19.85 19.17
N ASN A 73 -5.78 -19.30 18.06
CA ASN A 73 -5.80 -17.86 17.87
C ASN A 73 -7.22 -17.33 17.71
N PHE A 74 -8.13 -18.15 17.17
CA PHE A 74 -9.53 -17.73 17.04
C PHE A 74 -10.20 -17.59 18.40
N PHE A 75 -9.83 -18.45 19.36
CA PHE A 75 -10.37 -18.29 20.72
C PHE A 75 -9.77 -17.06 21.41
N VAL A 76 -8.48 -16.79 21.19
CA VAL A 76 -7.85 -15.60 21.75
C VAL A 76 -8.50 -14.34 21.19
N GLN A 77 -8.84 -14.38 19.89
CA GLN A 77 -9.53 -13.26 19.25
C GLN A 77 -10.91 -13.05 19.84
N ARG A 78 -11.61 -14.14 20.17
CA ARG A 78 -12.93 -14.05 20.81
C ARG A 78 -12.83 -13.41 22.19
N VAL A 79 -11.80 -13.79 22.96
CA VAL A 79 -11.56 -13.20 24.27
C VAL A 79 -11.26 -11.71 24.14
N LEU A 80 -10.52 -11.34 23.08
CA LEU A 80 -10.22 -9.93 22.82
C LEU A 80 -11.48 -9.13 22.52
N GLU A 81 -12.42 -9.73 21.78
CA GLU A 81 -13.66 -9.04 21.41
C GLU A 81 -14.51 -8.71 22.63
N CYS A 82 -14.50 -9.59 23.64
CA CYS A 82 -15.30 -9.38 24.85
C CYS A 82 -14.51 -8.73 25.97
N SER A 83 -13.27 -8.32 25.72
CA SER A 83 -12.39 -7.85 26.79
C SER A 83 -12.75 -6.45 27.25
N ASN A 84 -12.65 -6.23 28.58
CA ASN A 84 -12.73 -4.91 29.17
C ASN A 84 -11.31 -4.42 29.44
N THR A 85 -11.19 -3.25 30.08
CA THR A 85 -9.88 -2.62 30.29
C THR A 85 -8.98 -3.46 31.20
N GLU A 86 -9.55 -4.07 32.25
CA GLU A 86 -8.77 -4.91 33.16
C GLU A 86 -8.21 -6.14 32.44
N GLU A 87 -9.05 -6.80 31.64
CA GLU A 87 -8.57 -7.93 30.84
C GLU A 87 -7.57 -7.47 29.79
N GLN A 88 -7.82 -6.31 29.18
CA GLN A 88 -6.94 -5.79 28.13
C GLN A 88 -5.55 -5.43 28.66
N GLU A 89 -5.45 -4.99 29.92
CA GLU A 89 -4.16 -4.71 30.53
C GLU A 89 -3.29 -5.96 30.62
N ILE A 90 -3.90 -7.09 31.02
CA ILE A 90 -3.16 -8.34 31.15
C ILE A 90 -2.74 -8.85 29.77
N LEU A 91 -3.67 -8.81 28.80
CA LEU A 91 -3.40 -9.32 27.46
C LEU A 91 -2.32 -8.49 26.76
N THR A 92 -2.33 -7.16 26.97
CA THR A 92 -1.30 -6.29 26.39
C THR A 92 0.08 -6.61 26.96
N GLU A 93 0.17 -6.86 28.28
CA GLU A 93 1.45 -7.22 28.89
C GLU A 93 2.00 -8.53 28.33
N HIS A 94 1.13 -9.53 28.17
CA HIS A 94 1.56 -10.82 27.62
C HIS A 94 2.04 -10.68 26.18
N LEU A 95 1.26 -9.98 25.35
CA LEU A 95 1.62 -9.79 23.94
C LEU A 95 2.90 -8.99 23.78
N ALA A 96 3.16 -8.05 24.70
CA ALA A 96 4.35 -7.22 24.61
C ALA A 96 5.63 -8.01 24.81
N THR A 97 5.61 -9.09 25.62
CA THR A 97 6.82 -9.85 25.89
C THR A 97 7.36 -10.61 24.67
N ASP A 98 6.54 -10.85 23.64
CA ASP A 98 7.01 -11.57 22.46
C ASP A 98 6.50 -10.93 21.18
N LEU A 99 6.32 -9.60 21.18
CA LEU A 99 5.52 -8.92 20.16
C LEU A 99 6.09 -9.07 18.75
N TYR A 100 7.42 -8.96 18.60
CA TYR A 100 8.06 -9.04 17.29
C TYR A 100 7.80 -10.39 16.60
N ASN A 101 8.00 -11.49 17.33
CA ASN A 101 7.74 -12.81 16.76
C ASN A 101 6.25 -13.06 16.53
N LEU A 102 5.38 -12.49 17.38
CA LEU A 102 3.95 -12.66 17.16
C LEU A 102 3.50 -12.00 15.86
N CYS A 103 4.12 -10.87 15.50
CA CYS A 103 3.81 -10.19 14.25
C CYS A 103 4.25 -10.96 13.01
N LEU A 104 5.24 -11.85 13.15
CA LEU A 104 5.69 -12.66 12.01
C LEU A 104 5.00 -14.02 11.94
N ASP A 105 4.24 -14.39 12.96
CA ASP A 105 3.59 -15.70 12.98
C ASP A 105 2.28 -15.63 12.20
N LYS A 106 1.97 -16.73 11.49
CA LYS A 106 0.80 -16.75 10.61
C LYS A 106 -0.50 -16.63 11.39
N SER A 107 -0.59 -17.28 12.55
CA SER A 107 -1.77 -17.19 13.40
C SER A 107 -1.73 -15.99 14.33
N ALA A 108 -0.58 -15.77 14.99
CA ALA A 108 -0.48 -14.74 16.02
C ALA A 108 -0.54 -13.32 15.47
N CYS A 109 -0.16 -13.08 14.20
CA CYS A 109 -0.29 -11.74 13.65
C CYS A 109 -1.74 -11.30 13.51
N ARG A 110 -2.67 -12.26 13.41
CA ARG A 110 -4.09 -11.94 13.39
C ARG A 110 -4.61 -11.55 14.75
N VAL A 111 -4.05 -12.17 15.81
CA VAL A 111 -4.31 -11.71 17.17
C VAL A 111 -3.81 -10.28 17.35
N ILE A 112 -2.60 -9.99 16.84
CA ILE A 112 -2.02 -8.65 16.96
C ILE A 112 -2.85 -7.63 16.18
N GLN A 113 -3.24 -7.98 14.95
CA GLN A 113 -4.03 -7.07 14.11
C GLN A 113 -5.39 -6.76 14.72
N LEU A 114 -6.07 -7.76 15.28
CA LEU A 114 -7.32 -7.50 15.98
C LEU A 114 -7.08 -6.67 17.25
N ALA A 115 -5.95 -6.91 17.94
CA ALA A 115 -5.65 -6.17 19.17
C ALA A 115 -5.45 -4.69 18.90
N ILE A 116 -4.85 -4.34 17.74
CA ILE A 116 -4.68 -2.94 17.35
C ILE A 116 -6.05 -2.26 17.21
N GLN A 117 -7.02 -2.98 16.66
CA GLN A 117 -8.37 -2.42 16.56
C GLN A 117 -9.09 -2.42 17.90
N LYS A 118 -8.99 -3.51 18.67
CA LYS A 118 -9.90 -3.72 19.81
C LYS A 118 -9.41 -3.05 21.10
N LEU A 119 -8.10 -3.02 21.35
CA LEU A 119 -7.61 -2.48 22.62
C LEU A 119 -7.85 -0.97 22.70
N ASP A 120 -7.96 -0.48 23.94
CA ASP A 120 -7.94 0.95 24.20
C ASP A 120 -6.69 1.55 23.58
N VAL A 121 -6.83 2.78 23.05
CA VAL A 121 -5.82 3.38 22.18
C VAL A 121 -4.47 3.50 22.88
N HIS A 122 -4.46 3.76 24.20
CA HIS A 122 -3.18 3.84 24.90
C HIS A 122 -2.51 2.48 25.05
N LEU A 123 -3.30 1.39 25.08
CA LEU A 123 -2.72 0.05 25.09
C LEU A 123 -2.17 -0.33 23.73
N ALA A 124 -2.94 -0.06 22.67
CA ALA A 124 -2.46 -0.33 21.31
C ALA A 124 -1.27 0.54 20.95
N THR A 125 -1.22 1.77 21.50
CA THR A 125 -0.07 2.65 21.28
C THR A 125 1.20 2.06 21.90
N ARG A 126 1.06 1.39 23.06
CA ARG A 126 2.20 0.72 23.68
C ARG A 126 2.78 -0.36 22.79
N LEU A 127 1.92 -1.17 22.16
CA LEU A 127 2.40 -2.20 21.24
C LEU A 127 3.02 -1.59 19.99
N SER A 128 2.44 -0.52 19.47
CA SER A 128 2.99 0.13 18.28
C SER A 128 4.39 0.67 18.54
N LEU A 129 4.55 1.40 19.65
CA LEU A 129 5.84 2.03 19.96
C LEU A 129 6.90 1.00 20.31
N GLU A 130 6.50 -0.17 20.82
CA GLU A 130 7.45 -1.23 21.12
C GLU A 130 8.14 -1.79 19.86
N LEU A 131 7.51 -1.65 18.69
CA LEU A 131 8.13 -2.13 17.46
C LEU A 131 9.28 -1.27 16.99
N ARG A 132 9.46 -0.06 17.55
CA ARG A 132 10.50 0.87 17.08
C ARG A 132 11.90 0.31 17.28
N ASP A 133 12.13 -0.39 18.38
CA ASP A 133 13.44 -0.95 18.69
C ASP A 133 13.66 -2.33 18.10
N THR A 134 12.71 -2.85 17.33
CA THR A 134 12.87 -4.12 16.64
C THR A 134 13.37 -3.86 15.21
N HIS A 135 13.26 -4.87 14.34
CA HIS A 135 13.73 -4.78 12.96
C HIS A 135 12.57 -4.34 12.06
N LEU A 136 12.52 -3.04 11.75
CA LEU A 136 11.35 -2.49 11.07
C LEU A 136 11.32 -2.86 9.59
N VAL A 137 12.47 -3.01 8.94
CA VAL A 137 12.48 -3.49 7.55
C VAL A 137 11.98 -4.92 7.48
N ARG A 138 12.45 -5.79 8.39
CA ARG A 138 12.04 -7.19 8.38
C ARG A 138 10.56 -7.35 8.70
N LEU A 139 10.01 -6.49 9.57
CA LEU A 139 8.57 -6.49 9.79
C LEU A 139 7.81 -6.05 8.53
N SER A 140 8.26 -4.96 7.91
CA SER A 140 7.53 -4.39 6.78
C SER A 140 7.55 -5.27 5.54
N ILE A 141 8.53 -6.17 5.42
CA ILE A 141 8.61 -7.05 4.25
C ILE A 141 8.12 -8.46 4.55
N ASP A 142 7.83 -8.79 5.81
CA ASP A 142 7.32 -10.10 6.14
C ASP A 142 5.90 -10.28 5.58
N GLN A 143 5.60 -11.52 5.19
CA GLN A 143 4.27 -11.84 4.63
C GLN A 143 3.17 -11.60 5.66
N ASN A 144 3.46 -11.80 6.93
CA ASN A 144 2.52 -11.53 8.01
C ASN A 144 2.74 -10.16 8.64
N GLY A 145 4.00 -9.78 8.86
CA GLY A 145 4.32 -8.54 9.55
C GLY A 145 3.87 -7.28 8.83
N ASN A 146 3.80 -7.32 7.49
CA ASN A 146 3.42 -6.14 6.73
C ASN A 146 1.96 -5.75 6.99
N HIS A 147 1.12 -6.74 7.31
CA HIS A 147 -0.27 -6.45 7.65
C HIS A 147 -0.40 -5.82 9.03
N VAL A 148 0.50 -6.17 9.96
CA VAL A 148 0.50 -5.54 11.28
C VAL A 148 0.86 -4.06 11.17
N ILE A 149 1.88 -3.73 10.37
CA ILE A 149 2.33 -2.35 10.20
C ILE A 149 1.22 -1.51 9.55
N GLN A 150 0.60 -2.06 8.50
CA GLN A 150 -0.49 -1.37 7.82
C GLN A 150 -1.70 -1.21 8.73
N LYS A 151 -1.97 -2.22 9.58
CA LYS A 151 -3.05 -2.10 10.55
C LYS A 151 -2.80 -0.96 11.54
N ILE A 152 -1.56 -0.83 12.02
CA ILE A 152 -1.21 0.27 12.93
C ILE A 152 -1.40 1.63 12.26
N VAL A 153 -0.94 1.75 11.01
CA VAL A 153 -0.99 3.00 10.27
C VAL A 153 -2.43 3.42 9.95
N LYS A 154 -3.27 2.45 9.59
CA LYS A 154 -4.64 2.73 9.22
C LYS A 154 -5.57 2.92 10.42
N THR A 155 -5.18 2.51 11.63
CA THR A 155 -6.09 2.49 12.78
C THR A 155 -5.73 3.51 13.86
N LEU A 156 -4.46 3.58 14.23
CA LEU A 156 -4.04 4.38 15.36
C LEU A 156 -3.75 5.81 14.93
N PRO A 157 -3.83 6.78 15.85
CA PRO A 157 -3.41 8.14 15.52
C PRO A 157 -1.92 8.18 15.20
N VAL A 158 -1.54 9.13 14.35
CA VAL A 158 -0.19 9.22 13.78
C VAL A 158 0.86 9.40 14.86
N SER A 159 0.46 9.96 16.01
CA SER A 159 1.33 10.08 17.16
C SER A 159 1.79 8.74 17.72
N SER A 160 1.04 7.67 17.46
CA SER A 160 1.43 6.33 17.89
C SER A 160 2.40 5.64 16.94
N TRP A 161 2.62 6.17 15.73
CA TRP A 161 3.51 5.52 14.76
C TRP A 161 4.36 6.52 13.99
N THR A 162 4.64 7.69 14.58
CA THR A 162 5.43 8.72 13.91
C THR A 162 6.88 8.26 13.67
N PHE A 163 7.38 7.34 14.51
CA PHE A 163 8.70 6.73 14.31
C PHE A 163 8.82 6.04 12.96
N LEU A 164 7.72 5.51 12.41
CA LEU A 164 7.74 4.90 11.08
C LEU A 164 8.05 5.92 10.00
N VAL A 165 7.51 7.14 10.14
CA VAL A 165 7.82 8.22 9.21
C VAL A 165 9.28 8.60 9.31
N ASP A 166 9.81 8.69 10.55
CA ASP A 166 11.24 8.95 10.73
C ASP A 166 12.10 7.84 10.14
N PHE A 167 11.67 6.58 10.33
CA PHE A 167 12.41 5.44 9.80
C PHE A 167 12.45 5.45 8.28
N PHE A 168 11.32 5.72 7.64
CA PHE A 168 11.26 5.74 6.19
C PHE A 168 11.81 7.04 5.59
N ALA A 169 12.17 8.02 6.42
CA ALA A 169 12.86 9.21 5.94
C ALA A 169 14.29 8.91 5.53
N ASP A 170 14.88 7.84 6.06
CA ASP A 170 16.17 7.37 5.56
C ASP A 170 15.96 6.75 4.19
N ASP A 171 16.82 7.14 3.23
CA ASP A 171 16.66 6.69 1.85
C ASP A 171 16.84 5.19 1.70
N ASP A 172 17.80 4.61 2.44
CA ASP A 172 18.05 3.17 2.34
C ASP A 172 16.88 2.36 2.88
N ASN A 173 16.29 2.80 4.00
CA ASN A 173 15.11 2.12 4.52
C ASN A 173 13.95 2.19 3.54
N LEU A 174 13.74 3.37 2.93
CA LEU A 174 12.61 3.56 2.04
C LEU A 174 12.76 2.71 0.78
N ILE A 175 13.95 2.69 0.18
CA ILE A 175 14.19 1.92 -1.04
C ILE A 175 14.01 0.42 -0.79
N HIS A 176 14.57 -0.09 0.32
CA HIS A 176 14.43 -1.51 0.63
C HIS A 176 12.98 -1.89 0.90
N VAL A 177 12.23 -1.03 1.57
CA VAL A 177 10.84 -1.38 1.85
C VAL A 177 9.97 -1.17 0.61
N CYS A 178 10.14 -0.05 -0.11
CA CYS A 178 9.25 0.26 -1.23
C CYS A 178 9.45 -0.69 -2.41
N GLN A 179 10.64 -1.26 -2.58
CA GLN A 179 10.86 -2.20 -3.68
C GLN A 179 10.43 -3.61 -3.34
N ASP A 180 9.94 -3.85 -2.13
CA ASP A 180 9.51 -5.17 -1.70
C ASP A 180 8.05 -5.41 -2.11
N LYS A 181 7.74 -6.69 -2.37
CA LYS A 181 6.40 -7.13 -2.74
C LYS A 181 5.34 -6.72 -1.71
N TYR A 182 5.65 -6.84 -0.42
CA TYR A 182 4.72 -6.44 0.63
C TYR A 182 5.01 -5.06 1.18
N GLY A 183 6.28 -4.66 1.22
CA GLY A 183 6.65 -3.35 1.72
C GLY A 183 6.17 -2.19 0.88
N CYS A 184 5.90 -2.40 -0.42
CA CYS A 184 5.33 -1.34 -1.23
C CYS A 184 3.91 -0.98 -0.77
N ARG A 185 3.15 -1.98 -0.30
CA ARG A 185 1.86 -1.72 0.33
C ARG A 185 2.00 -0.94 1.62
N VAL A 186 3.04 -1.22 2.40
CA VAL A 186 3.30 -0.51 3.65
C VAL A 186 3.58 0.96 3.37
N ILE A 187 4.38 1.26 2.34
CA ILE A 187 4.69 2.64 2.00
C ILE A 187 3.45 3.35 1.49
N GLN A 188 2.66 2.68 0.63
CA GLN A 188 1.46 3.27 0.07
C GLN A 188 0.40 3.55 1.14
N SER A 189 0.21 2.61 2.08
CA SER A 189 -0.75 2.83 3.17
C SER A 189 -0.34 3.98 4.07
N THR A 190 0.97 4.14 4.29
CA THR A 190 1.46 5.28 5.07
C THR A 190 1.22 6.58 4.32
N VAL A 191 1.46 6.58 3.01
CA VAL A 191 1.26 7.77 2.18
C VAL A 191 -0.23 8.13 2.13
N GLU A 192 -1.10 7.13 1.95
CA GLU A 192 -2.55 7.35 1.89
C GLU A 192 -3.09 7.94 3.19
N THR A 193 -2.64 7.41 4.33
CA THR A 193 -3.14 7.86 5.63
C THR A 193 -2.68 9.30 5.92
N LEU A 194 -1.43 9.62 5.58
CA LEU A 194 -0.92 10.95 5.84
C LEU A 194 -1.49 12.00 4.88
N SER A 195 -1.96 11.60 3.71
CA SER A 195 -2.42 12.54 2.69
C SER A 195 -3.93 12.73 2.67
N THR A 196 -4.68 12.04 3.53
CA THR A 196 -6.12 12.19 3.59
C THR A 196 -6.51 12.95 4.85
N ASP A 197 -7.42 13.91 4.69
CA ASP A 197 -7.93 14.68 5.84
C ASP A 197 -9.39 15.05 5.64
N ALA A 200 -9.98 19.03 7.23
CA ALA A 200 -8.54 19.22 7.19
C ALA A 200 -7.98 19.50 8.59
N GLN A 201 -6.70 19.86 8.65
CA GLN A 201 -6.02 20.18 9.89
C GLN A 201 -5.61 21.64 9.86
N CYS A 202 -5.84 22.33 10.98
CA CYS A 202 -5.52 23.75 11.07
C CYS A 202 -4.01 24.01 11.01
N TYR A 203 -3.20 23.17 11.65
CA TYR A 203 -1.75 23.39 11.70
C TYR A 203 -0.95 22.47 10.79
N GLN A 204 -1.62 21.57 10.07
CA GLN A 204 -1.04 20.76 8.98
C GLN A 204 0.14 19.90 9.46
N HIS A 205 -0.07 19.19 10.57
CA HIS A 205 0.97 18.32 11.10
C HIS A 205 1.18 17.10 10.21
N ARG A 206 0.10 16.53 9.68
CA ARG A 206 0.22 15.41 8.76
C ARG A 206 0.84 15.84 7.44
N VAL A 207 0.60 17.08 7.01
CA VAL A 207 1.18 17.61 5.78
C VAL A 207 2.70 17.67 5.88
N ILE A 208 3.21 18.15 7.02
CA ILE A 208 4.64 18.23 7.25
C ILE A 208 5.26 16.83 7.35
N LEU A 209 4.55 15.90 7.99
CA LEU A 209 5.02 14.52 8.07
C LEU A 209 5.04 13.87 6.69
N LEU A 210 4.03 14.15 5.87
CA LEU A 210 3.98 13.62 4.51
C LEU A 210 5.14 14.15 3.67
N ARG A 211 5.50 15.43 3.89
CA ARG A 211 6.59 16.05 3.14
C ARG A 211 7.93 15.40 3.42
N SER A 212 8.15 14.98 4.67
CA SER A 212 9.37 14.26 5.02
C SER A 212 9.42 12.90 4.34
N LEU A 213 8.29 12.20 4.29
CA LEU A 213 8.25 10.89 3.66
C LEU A 213 8.35 10.99 2.14
N MET A 214 7.66 11.97 1.55
CA MET A 214 7.65 12.10 0.09
C MET A 214 8.97 12.64 -0.45
N ALA A 215 9.78 13.27 0.39
CA ALA A 215 11.08 13.76 -0.05
C ALA A 215 12.00 12.61 -0.44
N GLY A 216 11.93 11.51 0.29
CA GLY A 216 12.67 10.32 -0.10
C GLY A 216 12.14 9.69 -1.38
N VAL A 217 10.82 9.74 -1.57
CA VAL A 217 10.20 9.16 -2.77
C VAL A 217 10.66 9.92 -4.02
N THR A 218 10.63 11.26 -3.97
CA THR A 218 11.03 12.04 -5.13
C THR A 218 12.55 12.03 -5.34
N ARG A 219 13.33 11.88 -4.27
CA ARG A 219 14.78 11.80 -4.43
C ARG A 219 15.21 10.53 -5.15
N ASN A 220 14.45 9.44 -4.99
CA ASN A 220 14.84 8.14 -5.53
C ASN A 220 13.84 7.60 -6.54
N CYS A 221 13.09 8.51 -7.17
N CYS A 221 13.01 8.46 -7.16
CA CYS A 221 11.96 8.16 -8.03
CA CYS A 221 11.94 7.91 -7.97
C CYS A 221 12.39 7.41 -9.28
C CYS A 221 12.36 7.42 -9.34
N THR A 222 13.59 7.68 -9.78
CA THR A 222 14.06 7.01 -11.00
C THR A 222 14.27 5.52 -10.74
N GLN A 223 14.90 5.19 -9.61
CA GLN A 223 15.06 3.80 -9.22
C GLN A 223 13.73 3.17 -8.84
N LEU A 224 12.84 3.94 -8.19
CA LEU A 224 11.57 3.37 -7.75
C LEU A 224 10.61 3.13 -8.92
N ALA A 225 10.57 4.04 -9.90
CA ALA A 225 9.70 3.84 -11.06
C ALA A 225 10.17 2.66 -11.92
N SER A 226 11.46 2.37 -11.92
CA SER A 226 12.00 1.27 -12.70
C SER A 226 11.81 -0.09 -12.02
N ASN A 227 11.48 -0.11 -10.73
CA ASN A 227 11.43 -1.33 -9.95
C ASN A 227 10.10 -2.08 -10.15
N GLU A 228 10.20 -3.42 -10.09
CA GLU A 228 9.08 -4.34 -10.30
C GLU A 228 7.91 -4.13 -9.32
N PHE A 229 8.16 -3.57 -8.14
CA PHE A 229 7.07 -3.35 -7.20
C PHE A 229 6.87 -1.89 -6.84
N ALA A 230 7.96 -1.13 -6.73
CA ALA A 230 7.87 0.27 -6.35
C ALA A 230 7.26 1.15 -7.44
N ASN A 231 7.15 0.64 -8.68
CA ASN A 231 6.50 1.40 -9.73
C ASN A 231 5.01 1.60 -9.45
N TYR A 232 4.38 0.67 -8.70
CA TYR A 232 2.99 0.85 -8.28
C TYR A 232 2.84 2.05 -7.34
N VAL A 233 3.81 2.23 -6.44
CA VAL A 233 3.78 3.34 -5.51
C VAL A 233 3.94 4.67 -6.23
N VAL A 234 4.87 4.72 -7.20
CA VAL A 234 5.07 5.94 -8.00
C VAL A 234 3.83 6.26 -8.81
N GLN A 235 3.18 5.22 -9.37
CA GLN A 235 1.93 5.41 -10.11
C GLN A 235 0.83 5.97 -9.22
N HIS A 236 0.76 5.50 -7.96
CA HIS A 236 -0.26 5.96 -7.03
C HIS A 236 -0.13 7.45 -6.73
N VAL A 237 1.11 7.93 -6.55
CA VAL A 237 1.34 9.35 -6.30
C VAL A 237 0.88 10.19 -7.48
N ILE A 238 1.16 9.72 -8.70
CA ILE A 238 0.77 10.46 -9.90
C ILE A 238 -0.74 10.42 -10.11
N LYS A 239 -1.37 9.28 -9.86
CA LYS A 239 -2.79 9.08 -10.11
C LYS A 239 -3.69 9.58 -8.98
N CYS A 240 -3.13 9.99 -7.83
CA CYS A 240 -3.93 10.23 -6.63
C CYS A 240 -4.86 11.42 -6.76
N GLY A 241 -4.39 12.51 -7.35
CA GLY A 241 -5.23 13.68 -7.47
C GLY A 241 -4.71 14.84 -6.63
N ASP A 242 -5.63 15.55 -5.96
CA ASP A 242 -5.27 16.79 -5.27
C ASP A 242 -4.44 16.53 -4.01
N ALA A 243 -4.57 15.34 -3.41
CA ALA A 243 -3.85 15.05 -2.17
C ALA A 243 -2.34 15.02 -2.38
N LEU A 244 -1.89 14.45 -3.50
CA LEU A 244 -0.47 14.33 -3.80
C LEU A 244 -0.11 15.09 -5.07
N ALA A 245 -0.86 16.15 -5.39
CA ALA A 245 -0.72 16.86 -6.66
C ALA A 245 0.62 17.57 -6.77
N VAL A 246 1.10 18.17 -5.68
CA VAL A 246 2.40 18.83 -5.72
C VAL A 246 3.52 17.81 -5.89
N TYR A 247 3.38 16.62 -5.33
CA TYR A 247 4.41 15.60 -5.46
C TYR A 247 4.37 14.93 -6.83
N ARG A 248 3.17 14.79 -7.41
CA ARG A 248 3.04 14.32 -8.79
C ARG A 248 3.75 15.26 -9.76
N ASP A 249 3.57 16.57 -9.57
CA ASP A 249 4.20 17.55 -10.44
C ASP A 249 5.71 17.59 -10.24
N ILE A 250 6.18 17.40 -9.01
CA ILE A 250 7.62 17.35 -8.73
C ILE A 250 8.26 16.15 -9.40
N ILE A 251 7.56 15.01 -9.35
CA ILE A 251 8.06 13.76 -9.97
C ILE A 251 8.16 13.92 -11.48
N ILE A 252 7.14 14.52 -12.10
CA ILE A 252 7.14 14.72 -13.55
C ILE A 252 8.23 15.70 -13.97
N GLU A 253 8.34 16.83 -13.27
CA GLU A 253 9.29 17.88 -13.65
C GLU A 253 10.74 17.44 -13.45
N GLN A 254 11.04 16.82 -12.33
CA GLN A 254 12.42 16.60 -11.94
C GLN A 254 12.93 15.18 -12.17
N CYS A 255 12.06 14.24 -12.51
CA CYS A 255 12.53 12.89 -12.83
C CYS A 255 12.12 12.44 -14.22
N LEU A 256 10.86 12.60 -14.58
CA LEU A 256 10.37 12.04 -15.83
C LEU A 256 10.78 12.86 -17.03
N LEU A 257 10.77 14.19 -16.90
CA LEU A 257 11.21 15.05 -18.00
C LEU A 257 12.72 14.90 -18.21
N GLN A 258 13.13 14.98 -19.47
CA GLN A 258 14.46 14.71 -20.03
C GLN A 258 14.87 13.24 -19.91
N ASN A 259 13.93 12.36 -19.53
CA ASN A 259 14.17 10.92 -19.46
C ASN A 259 12.96 10.14 -19.97
N LEU A 260 12.05 10.80 -20.69
CA LEU A 260 10.82 10.14 -21.12
C LEU A 260 11.05 9.07 -22.16
N LEU A 261 12.06 9.25 -23.02
CA LEU A 261 12.31 8.27 -24.07
C LEU A 261 12.83 6.95 -23.48
N SER A 262 13.76 7.04 -22.54
CA SER A 262 14.30 5.85 -21.88
C SER A 262 13.24 5.16 -21.03
N MET A 263 12.49 5.94 -20.24
CA MET A 263 11.52 5.34 -19.32
C MET A 263 10.34 4.73 -20.05
N SER A 264 9.98 5.27 -21.23
CA SER A 264 8.90 4.67 -22.02
C SER A 264 9.30 3.33 -22.63
N GLN A 265 10.60 3.03 -22.67
CA GLN A 265 11.10 1.77 -23.19
C GLN A 265 11.39 0.75 -22.08
N GLU A 266 11.06 1.06 -20.83
CA GLU A 266 11.33 0.17 -19.72
C GLU A 266 10.12 -0.68 -19.37
N LYS A 267 10.40 -1.89 -18.87
CA LYS A 267 9.35 -2.87 -18.58
C LYS A 267 8.38 -2.36 -17.51
N TYR A 268 8.90 -1.71 -16.47
CA TYR A 268 8.06 -1.23 -15.38
C TYR A 268 7.82 0.27 -15.45
N ALA A 269 8.86 1.05 -15.78
CA ALA A 269 8.75 2.50 -15.79
C ALA A 269 7.85 3.03 -16.90
N SER A 270 7.55 2.22 -17.93
CA SER A 270 6.62 2.69 -18.96
C SER A 270 5.20 2.87 -18.41
N HIS A 271 4.85 2.11 -17.36
CA HIS A 271 3.57 2.31 -16.68
C HIS A 271 3.52 3.67 -15.99
N VAL A 272 4.66 4.12 -15.45
CA VAL A 272 4.74 5.44 -14.81
C VAL A 272 4.57 6.54 -15.85
N VAL A 273 5.17 6.38 -17.03
CA VAL A 273 5.03 7.35 -18.11
C VAL A 273 3.58 7.42 -18.59
N GLU A 274 2.90 6.27 -18.60
CA GLU A 274 1.49 6.21 -19.00
C GLU A 274 0.61 7.02 -18.07
N VAL A 275 0.71 6.78 -16.75
CA VAL A 275 -0.17 7.48 -15.81
C VAL A 275 0.19 8.96 -15.72
N ALA A 276 1.44 9.32 -16.04
CA ALA A 276 1.80 10.73 -16.11
C ALA A 276 1.10 11.42 -17.28
N PHE A 277 1.08 10.79 -18.47
CA PHE A 277 0.33 11.33 -19.60
C PHE A 277 -1.16 11.38 -19.30
N GLU A 278 -1.66 10.42 -18.51
CA GLU A 278 -3.08 10.38 -18.17
C GLU A 278 -3.47 11.46 -17.17
N CYS A 279 -2.56 11.86 -16.28
CA CYS A 279 -2.95 12.63 -15.10
C CYS A 279 -2.21 13.94 -14.87
N ALA A 280 -1.19 14.27 -15.66
CA ALA A 280 -0.46 15.51 -15.41
C ALA A 280 -1.32 16.73 -15.74
N PRO A 281 -1.06 17.86 -15.09
CA PRO A 281 -1.68 19.12 -15.55
C PRO A 281 -1.17 19.49 -16.93
N TYR A 282 -1.93 20.38 -17.60
CA TYR A 282 -1.66 20.70 -19.01
C TYR A 282 -0.26 21.25 -19.22
N ARG A 283 0.21 22.10 -18.30
CA ARG A 283 1.53 22.72 -18.44
C ARG A 283 2.65 21.68 -18.42
N LEU A 284 2.43 20.53 -17.77
CA LEU A 284 3.39 19.45 -17.75
C LEU A 284 3.18 18.46 -18.88
N VAL A 285 1.92 18.25 -19.30
CA VAL A 285 1.61 17.45 -20.47
C VAL A 285 2.27 18.06 -21.70
N ALA A 286 2.17 19.38 -21.84
CA ALA A 286 2.75 20.08 -22.99
C ALA A 286 4.28 19.96 -23.02
N GLU A 287 4.91 19.96 -21.84
CA GLU A 287 6.36 19.72 -21.82
C GLU A 287 6.68 18.28 -22.16
N MET A 288 5.84 17.33 -21.72
CA MET A 288 6.03 15.92 -22.06
C MET A 288 5.84 15.67 -23.54
N MET A 289 4.80 16.28 -24.14
CA MET A 289 4.55 16.14 -25.56
C MET A 289 5.69 16.75 -26.38
N ASN A 290 6.20 17.91 -25.94
CA ASN A 290 7.30 18.58 -26.64
C ASN A 290 8.59 17.76 -26.59
N GLU A 291 8.82 17.03 -25.49
CA GLU A 291 10.02 16.20 -25.39
C GLU A 291 9.96 15.02 -26.37
N ILE A 292 8.78 14.40 -26.50
CA ILE A 292 8.61 13.29 -27.44
C ILE A 292 8.74 13.78 -28.88
N PHE A 293 8.12 14.92 -29.20
CA PHE A 293 8.04 15.38 -30.58
C PHE A 293 9.29 16.11 -31.06
N GLU A 294 10.02 16.77 -30.16
CA GLU A 294 11.18 17.58 -30.56
C GLU A 294 12.48 17.03 -30.00
N GLY A 295 12.52 15.74 -29.68
CA GLY A 295 13.73 15.11 -29.19
C GLY A 295 14.18 15.55 -27.81
N ARG A 304 15.75 8.90 -37.38
CA ARG A 304 14.69 8.25 -36.62
C ARG A 304 14.45 8.97 -35.30
N ASP A 305 13.27 9.57 -35.14
CA ASP A 305 12.98 10.38 -33.97
C ASP A 305 12.37 9.53 -32.85
N ALA A 306 12.05 10.21 -31.74
CA ALA A 306 11.59 9.53 -30.54
C ALA A 306 10.22 8.89 -30.71
N LEU A 307 9.34 9.52 -31.50
CA LEU A 307 8.02 8.95 -31.73
C LEU A 307 8.09 7.67 -32.56
N ASP A 308 9.03 7.61 -33.53
CA ASP A 308 9.20 6.40 -34.33
C ASP A 308 9.68 5.23 -33.48
N ILE A 309 10.57 5.51 -32.52
CA ILE A 309 11.09 4.47 -31.63
C ILE A 309 9.97 3.90 -30.78
N LEU A 310 9.14 4.78 -30.20
CA LEU A 310 8.08 4.31 -29.29
C LEU A 310 6.96 3.62 -30.04
N LEU A 311 6.71 3.99 -31.30
CA LEU A 311 5.63 3.38 -32.06
C LEU A 311 5.87 1.89 -32.29
N PHE A 312 7.12 1.49 -32.48
CA PHE A 312 7.48 0.10 -32.72
C PHE A 312 8.02 -0.60 -31.47
N HIS A 313 7.95 0.03 -30.31
CA HIS A 313 8.53 -0.56 -29.11
C HIS A 313 7.51 -1.43 -28.37
N GLN A 314 8.00 -2.49 -27.73
CA GLN A 314 7.12 -3.43 -27.04
C GLN A 314 6.48 -2.82 -25.79
N TYR A 315 7.08 -1.80 -25.21
CA TYR A 315 6.53 -1.06 -24.09
C TYR A 315 6.14 0.36 -24.49
N GLY A 316 6.90 0.96 -25.40
CA GLY A 316 6.64 2.32 -25.82
C GLY A 316 5.35 2.49 -26.59
N ASN A 317 4.86 1.42 -27.23
CA ASN A 317 3.61 1.52 -27.97
C ASN A 317 2.42 1.74 -27.03
N TYR A 318 2.52 1.28 -25.78
CA TYR A 318 1.47 1.57 -24.81
C TYR A 318 1.50 3.02 -24.38
N VAL A 319 2.68 3.62 -24.35
CA VAL A 319 2.82 5.05 -24.05
C VAL A 319 2.18 5.88 -25.15
N VAL A 320 2.38 5.47 -26.42
CA VAL A 320 1.76 6.15 -27.55
C VAL A 320 0.24 6.03 -27.50
N GLN A 321 -0.27 4.85 -27.11
CA GLN A 321 -1.71 4.67 -26.97
C GLN A 321 -2.29 5.56 -25.88
N GLN A 322 -1.56 5.73 -24.78
CA GLN A 322 -2.02 6.64 -23.73
C GLN A 322 -1.91 8.10 -24.18
N MET A 323 -0.87 8.42 -24.97
CA MET A 323 -0.75 9.75 -25.57
C MET A 323 -1.94 10.06 -26.49
N ILE A 324 -2.41 9.05 -27.21
CA ILE A 324 -3.59 9.20 -28.06
C ILE A 324 -4.83 9.45 -27.23
N GLN A 325 -5.03 8.65 -26.18
CA GLN A 325 -6.21 8.79 -25.33
C GLN A 325 -6.20 10.10 -24.53
N THR A 326 -5.00 10.59 -24.18
CA THR A 326 -4.89 11.90 -23.53
C THR A 326 -5.37 13.01 -24.46
N CYS A 327 -5.00 12.92 -25.74
CA CYS A 327 -5.39 13.94 -26.70
C CYS A 327 -6.86 13.84 -27.09
N VAL A 328 -7.42 12.62 -27.10
CA VAL A 328 -8.83 12.43 -27.41
C VAL A 328 -9.70 13.07 -26.34
N LEU A 329 -9.36 12.84 -25.07
CA LEU A 329 -10.10 13.45 -23.98
C LEU A 329 -9.82 14.94 -23.89
N GLY A 330 -8.58 15.35 -24.20
CA GLY A 330 -8.21 16.75 -24.12
C GLY A 330 -8.79 17.62 -25.22
N GLN A 331 -9.28 17.02 -26.30
CA GLN A 331 -10.00 17.79 -27.32
C GLN A 331 -11.32 18.31 -26.78
N ASN A 332 -11.95 17.57 -25.86
CA ASN A 332 -13.20 17.96 -25.24
C ASN A 332 -12.98 18.80 -23.98
N ALA A 333 -11.85 19.50 -23.89
CA ALA A 333 -11.57 20.37 -22.76
C ALA A 333 -12.34 21.67 -22.92
N ARG A 334 -12.05 22.65 -22.06
CA ARG A 334 -12.75 23.92 -22.12
C ARG A 334 -11.86 25.08 -22.54
N ASP A 335 -10.54 25.00 -22.27
CA ASP A 335 -9.64 26.13 -22.47
C ASP A 335 -9.58 26.58 -23.92
N GLN A 336 -9.75 25.64 -24.87
CA GLN A 336 -9.89 25.82 -26.33
C GLN A 336 -8.58 26.26 -26.98
N LYS A 337 -7.61 26.73 -26.20
CA LYS A 337 -6.24 26.86 -26.63
C LYS A 337 -5.44 25.63 -26.24
N GLN A 338 -5.85 25.00 -25.13
CA GLN A 338 -5.36 23.66 -24.82
C GLN A 338 -5.96 22.64 -25.78
N SER A 339 -7.27 22.74 -26.04
CA SER A 339 -7.98 21.80 -26.91
C SER A 339 -7.46 21.85 -28.34
N GLU A 340 -6.96 23.02 -28.79
CA GLU A 340 -6.28 23.10 -30.08
C GLU A 340 -4.98 22.31 -30.05
N MET A 341 -4.22 22.42 -28.96
CA MET A 341 -2.94 21.73 -28.86
C MET A 341 -3.10 20.22 -28.74
N TYR A 342 -4.17 19.75 -28.07
CA TYR A 342 -4.44 18.32 -28.01
C TYR A 342 -4.76 17.77 -29.39
N GLY A 343 -5.52 18.53 -30.20
CA GLY A 343 -5.78 18.11 -31.57
C GLY A 343 -4.54 18.16 -32.44
N MET A 344 -3.67 19.15 -32.20
CA MET A 344 -2.41 19.24 -32.93
C MET A 344 -1.50 18.07 -32.64
N TRP A 345 -1.44 17.65 -31.36
CA TRP A 345 -0.63 16.49 -30.99
C TRP A 345 -1.23 15.20 -31.53
N LEU A 346 -2.57 15.08 -31.49
CA LEU A 346 -3.24 13.88 -31.99
C LEU A 346 -3.05 13.73 -33.49
N GLU A 347 -3.10 14.83 -34.24
CA GLU A 347 -2.89 14.78 -35.67
C GLU A 347 -1.43 14.47 -36.00
N LYS A 348 -0.50 14.97 -35.19
CA LYS A 348 0.92 14.66 -35.37
C LYS A 348 1.20 13.18 -35.14
N ILE A 349 0.49 12.55 -34.20
CA ILE A 349 0.57 11.10 -34.05
C ILE A 349 -0.11 10.41 -35.23
N HIS A 350 -1.24 10.97 -35.68
CA HIS A 350 -1.98 10.40 -36.82
C HIS A 350 -1.17 10.46 -38.10
N GLY A 351 -0.38 11.52 -38.29
CA GLY A 351 0.47 11.62 -39.47
C GLY A 351 1.60 10.61 -39.47
N ARG A 352 2.21 10.38 -38.31
CA ARG A 352 3.34 9.45 -38.24
C ARG A 352 2.87 8.00 -38.37
N VAL A 353 1.67 7.69 -37.87
CA VAL A 353 1.15 6.33 -37.97
C VAL A 353 0.77 6.01 -39.42
N MET A 354 0.15 6.97 -40.13
CA MET A 354 -0.28 6.73 -41.50
C MET A 354 0.89 6.57 -42.46
N ARG A 355 2.02 7.23 -42.19
CA ARG A 355 3.21 7.05 -43.01
C ARG A 355 3.79 5.65 -42.84
N ASN A 356 3.81 5.13 -41.61
CA ASN A 356 4.40 3.84 -41.29
C ASN A 356 3.34 2.75 -41.13
N ALA A 357 2.18 2.90 -41.78
CA ALA A 357 1.04 2.02 -41.50
C ALA A 357 1.23 0.61 -42.01
N HIS A 358 1.97 0.43 -43.11
CA HIS A 358 2.17 -0.92 -43.65
C HIS A 358 3.06 -1.75 -42.74
N ARG A 359 4.12 -1.14 -42.20
CA ARG A 359 4.98 -1.84 -41.25
C ARG A 359 4.28 -2.04 -39.91
N LEU A 360 3.45 -1.07 -39.49
CA LEU A 360 2.79 -1.17 -38.20
C LEU A 360 1.69 -2.22 -38.18
N GLU A 361 1.05 -2.46 -39.32
CA GLU A 361 -0.07 -3.41 -39.40
C GLU A 361 0.35 -4.85 -39.20
N ARG A 362 1.64 -5.16 -39.27
CA ARG A 362 2.10 -6.54 -39.16
C ARG A 362 2.01 -7.09 -37.74
N PHE A 363 1.82 -6.23 -36.73
CA PHE A 363 1.78 -6.68 -35.35
C PHE A 363 0.61 -6.07 -34.61
N SER A 364 0.26 -6.71 -33.49
CA SER A 364 -0.92 -6.32 -32.70
C SER A 364 -0.75 -4.95 -32.06
N SER A 365 0.49 -4.55 -31.75
CA SER A 365 0.74 -3.23 -31.17
C SER A 365 0.39 -2.12 -32.16
N GLY A 366 0.89 -2.23 -33.39
CA GLY A 366 0.54 -1.26 -34.41
C GLY A 366 -0.90 -1.37 -34.89
N LYS A 367 -1.50 -2.56 -34.76
CA LYS A 367 -2.91 -2.70 -35.11
C LYS A 367 -3.80 -1.99 -34.11
N LYS A 368 -3.50 -2.11 -32.81
CA LYS A 368 -4.29 -1.44 -31.78
C LYS A 368 -4.14 0.07 -31.83
N ILE A 369 -2.97 0.57 -32.24
CA ILE A 369 -2.79 2.00 -32.43
C ILE A 369 -3.63 2.49 -33.60
N ILE A 370 -3.68 1.72 -34.68
CA ILE A 370 -4.49 2.08 -35.85
C ILE A 370 -5.98 2.00 -35.53
N GLU A 371 -6.39 0.97 -34.76
CA GLU A 371 -7.79 0.84 -34.35
C GLU A 371 -8.24 1.98 -33.46
N ALA A 372 -7.33 2.53 -32.64
CA ALA A 372 -7.66 3.70 -31.84
C ALA A 372 -7.82 4.94 -32.70
N LEU A 373 -6.95 5.09 -33.70
CA LEU A 373 -7.04 6.27 -34.58
C LEU A 373 -8.20 6.16 -35.55
N GLN A 374 -8.60 4.94 -35.94
CA GLN A 374 -9.67 4.78 -36.90
C GLN A 374 -11.06 4.85 -36.27
N SER A 375 -11.16 4.91 -34.93
CA SER A 375 -12.45 5.13 -34.30
C SER A 375 -12.97 6.53 -34.60
N MET A 376 -12.07 7.50 -34.73
CA MET A 376 -12.42 8.85 -35.17
C MET A 376 -12.20 9.03 -36.66
N SER A 377 -10.96 8.83 -37.12
CA SER A 377 -10.63 8.97 -38.53
C SER A 377 -9.39 8.16 -38.90
C1 GOL C . -4.16 -4.01 6.78
O1 GOL C . -4.03 -4.84 7.91
C2 GOL C . -3.50 -4.65 5.59
O2 GOL C . -3.57 -6.04 5.76
C3 GOL C . -4.16 -4.24 4.29
O3 GOL C . -4.66 -5.42 3.68
C1 GOL D . 8.28 -18.90 22.99
O1 GOL D . 8.08 -18.67 21.60
C2 GOL D . 7.86 -17.71 23.84
O2 GOL D . 7.39 -18.16 25.09
C3 GOL D . 9.03 -16.74 24.01
O3 GOL D . 8.64 -15.80 24.99
C1 GOL E . -12.26 -13.85 15.02
O1 GOL E . -12.92 -12.64 14.68
C2 GOL E . -13.23 -14.79 15.71
O2 GOL E . -12.53 -15.57 16.66
C3 GOL E . -14.36 -14.03 16.40
O3 GOL E . -14.87 -14.88 17.41
S SO4 F . 16.13 -3.81 10.01
O1 SO4 F . 17.01 -4.11 8.84
O2 SO4 F . 15.88 -2.33 10.09
O3 SO4 F . 14.84 -4.51 9.81
O4 SO4 F . 16.79 -4.27 11.27
C1 GOL G . 4.37 20.99 -0.20
O1 GOL G . 4.15 20.84 1.18
C2 GOL G . 5.69 20.34 -0.58
O2 GOL G . 5.54 19.63 -1.79
C3 GOL G . 6.81 21.36 -0.68
O3 GOL G . 7.99 20.68 -1.01
C1 GOL H . -1.02 0.61 -17.96
O1 GOL H . -2.00 0.81 -18.95
C2 GOL H . -1.41 1.32 -16.67
O2 GOL H . -0.24 1.75 -16.01
C3 GOL H . -2.35 2.48 -16.95
O3 GOL H . -2.74 3.04 -15.72
C1 GOL I . -12.73 -31.46 21.57
O1 GOL I . -13.72 -32.18 20.87
C2 GOL I . -11.72 -32.43 22.18
O2 GOL I . -10.55 -31.71 22.48
C3 GOL I . -12.30 -33.08 23.42
O3 GOL I . -11.24 -33.22 24.35
C1 GOL J . -4.54 -23.62 31.91
O1 GOL J . -4.81 -23.92 30.57
C2 GOL J . -3.16 -24.11 32.29
O2 GOL J . -3.30 -25.31 33.01
C3 GOL J . -2.43 -23.04 33.11
O3 GOL J . -3.24 -22.74 34.23
S SO4 K . 3.82 -16.60 -12.30
O1 SO4 K . 4.42 -16.27 -10.96
O2 SO4 K . 2.33 -16.78 -12.15
O3 SO4 K . 4.09 -15.48 -13.26
O4 SO4 K . 4.40 -17.88 -12.84
#